data_2Z23
#
_entry.id   2Z23
#
_cell.length_a   71.827
_cell.length_b   90.637
_cell.length_c   93.702
_cell.angle_alpha   90.00
_cell.angle_beta   90.00
_cell.angle_gamma   90.00
#
_symmetry.space_group_name_H-M   'P 21 21 21'
#
loop_
_entity.id
_entity.type
_entity.pdbx_description
1 polymer 'Periplasmic oligopeptide-binding protein'
2 polymer 'peptide (LYS)(LYS)(LYS)'
3 water water
#
loop_
_entity_poly.entity_id
_entity_poly.type
_entity_poly.pdbx_seq_one_letter_code
_entity_poly.pdbx_strand_id
1 'polypeptide(L)'
;ANVPTGVQLAEKQVLVRNNGSEPQSLDPHKIEGVPESNISRDLLEGLVINDPNGNIVPGAAESWDNKDFKVWTFNIRKDA
KWSNGDPVTAQDFVYSWQRLADPKTVSPYASYLQYAHLTNIDDIITGKAAPDTLGVKALDDHTLEVTLSEPVPYLDKLLA
HPLMSPVNKTVVEKFGEKWTQPQNFVGNGAYKLKDWIVNERIVLERSPTYWDNAKTVINQVTYLPISSEVTDVNRYRSGE
IDMTYNNMPIELFQKLKKEIPDQVHVDPYLCTYYYEINNQKAPFTDARVREALKLGMDRDIIVNKVKNQGDLPAYGFTPP
YTSGAELTPPEWFSWTQEKRNEVAKKLLAEAGYTKDNPLKFSLLYNTSDLHKKLAIAAASIWKKNLGVDVKLENQEWKTF
LDTRHQGTYDVARAAWCADYNEPSSFLNMMLSNSSNNTTHYKSSVFDKLIEDTLKVKSEKERADLYQQAEIQLDKDSAIV
PVFYYVSARLVKPYVGGYTGKDPLDNMHVKDLYIIKQ
;
A
2 'polypeptide(L)' KKK B
#
# COMPACT_ATOMS: atom_id res chain seq x y z
N ALA A 1 9.96 21.86 0.09
CA ALA A 1 9.49 22.04 1.47
C ALA A 1 9.07 23.51 1.73
N ASN A 2 8.21 23.73 2.78
CA ASN A 2 7.67 25.03 3.19
C ASN A 2 7.93 25.24 4.63
N VAL A 3 9.05 25.85 4.85
CA VAL A 3 9.42 26.18 6.19
C VAL A 3 8.60 27.35 6.66
N PRO A 4 7.75 27.15 7.68
CA PRO A 4 6.94 28.25 8.22
C PRO A 4 7.83 29.39 8.73
N THR A 5 7.63 30.59 8.19
CA THR A 5 8.41 31.75 8.59
C THR A 5 8.48 31.88 10.10
N GLY A 6 9.69 32.00 10.63
CA GLY A 6 9.87 32.12 12.06
C GLY A 6 10.74 31.02 12.61
N VAL A 7 10.45 29.78 12.24
CA VAL A 7 11.22 28.64 12.71
C VAL A 7 12.62 28.64 12.09
N GLN A 8 13.62 28.38 12.92
CA GLN A 8 15.01 28.35 12.45
C GLN A 8 15.41 26.92 12.11
N LEU A 9 16.12 26.77 10.99
CA LEU A 9 16.55 25.46 10.52
C LEU A 9 17.93 25.04 11.03
N ALA A 10 18.04 23.78 11.44
CA ALA A 10 19.30 23.25 11.95
C ALA A 10 20.38 23.36 10.88
N GLU A 11 21.64 23.37 11.30
CA GLU A 11 22.75 23.47 10.38
C GLU A 11 22.94 22.18 9.60
N LYS A 12 22.71 21.04 10.25
CA LYS A 12 22.85 19.75 9.62
C LYS A 12 21.48 19.16 9.27
N GLN A 13 21.16 19.13 7.98
CA GLN A 13 19.89 18.60 7.51
C GLN A 13 20.04 17.14 7.11
N VAL A 14 19.99 16.27 8.11
CA VAL A 14 20.12 14.83 7.89
C VAL A 14 18.96 14.14 8.59
N LEU A 15 18.46 13.06 7.99
CA LEU A 15 17.34 12.34 8.56
C LEU A 15 17.51 10.84 8.49
N VAL A 16 17.12 10.17 9.58
CA VAL A 16 17.18 8.71 9.67
C VAL A 16 15.76 8.22 9.93
N ARG A 17 15.23 7.44 8.99
CA ARG A 17 13.87 6.90 9.13
C ARG A 17 13.89 5.38 9.11
N ASN A 18 13.13 4.72 9.99
CA ASN A 18 13.10 3.28 9.90
C ASN A 18 12.07 3.01 8.81
N ASN A 19 12.20 1.90 8.12
CA ASN A 19 11.30 1.60 7.02
C ASN A 19 10.69 0.19 7.05
N GLY A 20 10.52 -0.35 8.24
CA GLY A 20 9.93 -1.67 8.41
C GLY A 20 10.78 -2.84 7.98
N SER A 21 11.34 -2.77 6.77
CA SER A 21 12.15 -3.87 6.28
C SER A 21 13.03 -3.57 5.00
N GLU A 22 13.70 -4.67 4.67
CA GLU A 22 14.53 -4.66 3.47
C GLU A 22 13.57 -4.67 2.50
N PRO A 23 13.37 -3.82 1.47
CA PRO A 23 12.51 -3.66 0.29
C PRO A 23 12.74 -4.65 -0.49
N GLN A 24 11.83 -5.05 -1.45
CA GLN A 24 11.83 -6.06 -2.50
C GLN A 24 12.74 -5.59 -3.64
N SER A 25 12.73 -4.29 -3.89
CA SER A 25 13.51 -3.66 -4.96
C SER A 25 13.31 -2.13 -5.03
N LEU A 26 14.14 -1.46 -5.83
CA LEU A 26 14.03 -0.02 -6.03
C LEU A 26 13.48 0.28 -7.42
N ASP A 27 13.27 -0.76 -8.20
CA ASP A 27 12.67 -0.64 -9.51
C ASP A 27 11.17 -0.45 -9.25
N PRO A 28 10.53 0.61 -9.77
CA PRO A 28 9.10 0.87 -9.53
C PRO A 28 8.24 -0.30 -10.00
N HIS A 29 8.70 -1.10 -10.99
CA HIS A 29 7.85 -2.19 -11.52
C HIS A 29 8.16 -3.55 -10.95
N LYS A 30 8.73 -3.52 -9.79
CA LYS A 30 9.01 -4.76 -9.18
C LYS A 30 8.57 -4.65 -7.74
N ILE A 31 7.84 -3.56 -7.43
CA ILE A 31 7.41 -3.36 -6.08
C ILE A 31 5.91 -3.39 -5.90
N GLU A 32 5.59 -3.54 -4.63
CA GLU A 32 4.23 -3.63 -4.17
C GLU A 32 4.04 -3.22 -2.70
N GLY A 33 5.05 -3.00 -1.87
CA GLY A 33 4.75 -2.69 -0.49
C GLY A 33 5.05 -1.25 -0.09
N VAL A 34 4.53 -0.89 1.08
CA VAL A 34 4.74 0.44 1.63
C VAL A 34 6.22 0.75 1.82
N PRO A 35 7.01 -0.21 2.36
CA PRO A 35 8.43 0.04 2.55
C PRO A 35 9.10 0.47 1.24
N GLU A 36 8.67 -0.22 0.18
CA GLU A 36 9.10 0.01 -1.19
C GLU A 36 8.68 1.40 -1.65
N SER A 37 7.38 1.66 -1.59
CA SER A 37 6.78 2.93 -1.99
C SER A 37 7.43 4.09 -1.28
N ASN A 38 7.81 3.93 0.02
CA ASN A 38 8.43 5.04 0.78
C ASN A 38 9.70 5.51 0.12
N ILE A 39 10.56 4.59 -0.27
CA ILE A 39 11.81 4.97 -0.92
C ILE A 39 11.58 5.38 -2.36
N SER A 40 10.64 4.72 -3.02
CA SER A 40 10.33 5.01 -4.41
C SER A 40 9.91 6.46 -4.62
N ARG A 41 9.16 7.02 -3.68
CA ARG A 41 8.68 8.39 -3.80
C ARG A 41 9.76 9.48 -3.77
N ASP A 42 10.87 9.22 -3.08
CA ASP A 42 11.94 10.23 -3.02
C ASP A 42 12.85 10.13 -4.23
N LEU A 43 12.96 8.93 -4.81
CA LEU A 43 13.83 8.70 -5.96
C LEU A 43 13.19 8.92 -7.31
N LEU A 44 11.89 8.71 -7.39
CA LEU A 44 11.21 8.87 -8.67
C LEU A 44 9.93 9.65 -8.52
N GLU A 45 9.62 10.43 -9.54
CA GLU A 45 8.42 11.25 -9.52
C GLU A 45 7.56 11.04 -10.77
N GLY A 46 6.28 10.74 -10.55
CA GLY A 46 5.32 10.52 -11.63
C GLY A 46 4.71 11.80 -12.19
N LEU A 47 3.69 11.68 -13.03
CA LEU A 47 3.04 12.86 -13.62
C LEU A 47 2.55 13.85 -12.55
N VAL A 48 2.02 13.30 -11.47
CA VAL A 48 1.50 14.10 -10.35
C VAL A 48 1.91 13.43 -9.03
N ILE A 49 1.88 14.20 -7.93
CA ILE A 49 2.26 13.69 -6.60
C ILE A 49 1.28 14.18 -5.50
N ASN A 50 1.36 13.58 -4.31
CA ASN A 50 0.52 13.97 -3.17
C ASN A 50 1.30 14.96 -2.28
N ASP A 51 0.67 16.05 -1.83
CA ASP A 51 1.37 17.01 -0.96
C ASP A 51 1.24 16.54 0.50
N PRO A 52 1.84 17.27 1.46
CA PRO A 52 1.78 16.86 2.86
C PRO A 52 0.40 16.50 3.41
N ASN A 53 -0.66 17.02 2.79
CA ASN A 53 -2.00 16.73 3.26
C ASN A 53 -2.80 15.79 2.36
N GLY A 54 -2.14 15.22 1.36
CA GLY A 54 -2.83 14.29 0.47
C GLY A 54 -3.47 14.87 -0.76
N ASN A 55 -3.32 16.17 -0.98
CA ASN A 55 -3.91 16.78 -2.17
C ASN A 55 -3.01 16.47 -3.36
N ILE A 56 -3.62 16.24 -4.51
CA ILE A 56 -2.87 15.95 -5.73
C ILE A 56 -2.34 17.24 -6.32
N VAL A 57 -1.04 17.29 -6.53
CA VAL A 57 -0.39 18.48 -7.11
C VAL A 57 0.55 18.08 -8.23
N PRO A 58 1.04 19.06 -9.01
CA PRO A 58 1.95 18.82 -10.13
C PRO A 58 3.25 18.10 -9.79
N GLY A 59 3.56 17.08 -10.60
CA GLY A 59 4.78 16.32 -10.43
C GLY A 59 5.61 16.55 -11.68
N ALA A 60 5.84 15.49 -12.45
CA ALA A 60 6.60 15.62 -13.69
C ALA A 60 5.80 16.46 -14.68
N ALA A 61 4.48 16.43 -14.55
CA ALA A 61 3.61 17.22 -15.42
C ALA A 61 3.24 18.51 -14.71
N GLU A 62 3.32 19.64 -15.41
CA GLU A 62 3.00 20.93 -14.82
C GLU A 62 1.51 21.22 -14.87
N SER A 63 0.83 20.64 -15.84
CA SER A 63 -0.61 20.82 -15.98
C SER A 63 -1.19 19.68 -16.79
N TRP A 64 -2.51 19.53 -16.73
CA TRP A 64 -3.19 18.46 -17.46
C TRP A 64 -4.66 18.77 -17.58
N ASP A 65 -5.32 18.08 -18.50
CA ASP A 65 -6.75 18.27 -18.71
C ASP A 65 -7.32 16.95 -19.22
N ASN A 66 -8.65 16.85 -19.24
CA ASN A 66 -9.28 15.63 -19.71
C ASN A 66 -10.53 15.94 -20.50
N LYS A 67 -10.90 15.02 -21.37
CA LYS A 67 -12.11 15.18 -22.16
C LYS A 67 -12.98 14.00 -21.73
N ASP A 68 -14.08 14.31 -21.06
CA ASP A 68 -15.01 13.30 -20.58
C ASP A 68 -14.37 12.26 -19.64
N PHE A 69 -13.20 12.59 -19.12
CA PHE A 69 -12.49 11.68 -18.21
C PHE A 69 -12.05 10.41 -18.92
N LYS A 70 -12.11 10.43 -20.25
CA LYS A 70 -11.71 9.29 -21.06
C LYS A 70 -10.37 9.51 -21.72
N VAL A 71 -10.11 10.75 -22.13
CA VAL A 71 -8.86 11.10 -22.78
C VAL A 71 -8.17 12.17 -21.93
N TRP A 72 -7.00 11.82 -21.41
CA TRP A 72 -6.24 12.74 -20.57
C TRP A 72 -4.96 13.20 -21.23
N THR A 73 -4.71 14.51 -21.17
CA THR A 73 -3.51 15.09 -21.75
C THR A 73 -2.69 15.80 -20.67
N PHE A 74 -1.43 15.40 -20.55
CA PHE A 74 -0.53 15.97 -19.56
C PHE A 74 0.60 16.76 -20.23
N ASN A 75 0.84 17.97 -19.73
CA ASN A 75 1.91 18.80 -20.28
C ASN A 75 3.13 18.62 -19.39
N ILE A 76 4.09 17.84 -19.88
CA ILE A 76 5.30 17.57 -19.14
C ILE A 76 6.11 18.83 -18.86
N ARG A 77 6.56 18.96 -17.62
CA ARG A 77 7.35 20.09 -17.16
C ARG A 77 8.58 20.24 -18.05
N LYS A 78 8.82 21.44 -18.55
CA LYS A 78 9.96 21.67 -19.43
C LYS A 78 11.31 21.58 -18.73
N ASP A 79 11.33 21.64 -17.41
CA ASP A 79 12.59 21.55 -16.68
C ASP A 79 12.73 20.26 -15.87
N ALA A 80 11.83 19.31 -16.10
CA ALA A 80 11.91 18.03 -15.40
C ALA A 80 13.14 17.33 -15.97
N LYS A 81 14.03 16.87 -15.08
CA LYS A 81 15.26 16.22 -15.53
C LYS A 81 15.61 14.99 -14.70
N TRP A 82 16.33 14.06 -15.33
CA TRP A 82 16.79 12.86 -14.64
C TRP A 82 18.01 13.27 -13.84
N SER A 83 18.43 12.44 -12.90
CA SER A 83 19.59 12.77 -12.09
C SER A 83 20.89 12.88 -12.89
N ASN A 84 20.87 12.39 -14.13
CA ASN A 84 22.05 12.48 -14.98
C ASN A 84 21.98 13.62 -16.00
N GLY A 85 21.00 14.45 -15.81
CA GLY A 85 20.86 15.60 -16.69
C GLY A 85 19.91 15.46 -17.92
N ASP A 86 19.50 14.25 -18.24
CA ASP A 86 18.61 13.99 -19.37
C ASP A 86 17.24 14.44 -19.05
N PRO A 87 16.65 14.80 -20.11
CA PRO A 87 15.34 15.28 -20.04
C PRO A 87 14.31 14.20 -19.78
N VAL A 88 13.33 14.55 -18.98
CA VAL A 88 12.19 13.68 -18.67
C VAL A 88 11.19 14.02 -19.78
N THR A 89 10.85 13.03 -20.59
CA THR A 89 9.94 13.27 -21.70
C THR A 89 8.65 12.47 -21.65
N ALA A 90 7.76 12.76 -22.58
CA ALA A 90 6.50 12.06 -22.68
C ALA A 90 6.81 10.61 -23.04
N GLN A 91 7.84 10.42 -23.87
CA GLN A 91 8.22 9.07 -24.27
C GLN A 91 8.69 8.27 -23.06
N ASP A 92 9.33 8.92 -22.10
CA ASP A 92 9.79 8.22 -20.90
C ASP A 92 8.58 7.52 -20.28
N PHE A 93 7.47 8.25 -20.16
CA PHE A 93 6.27 7.67 -19.59
C PHE A 93 5.68 6.59 -20.50
N VAL A 94 5.66 6.82 -21.80
CA VAL A 94 5.14 5.82 -22.73
C VAL A 94 5.93 4.53 -22.54
N TYR A 95 7.25 4.68 -22.48
CA TYR A 95 8.13 3.53 -22.29
C TYR A 95 7.90 2.83 -20.96
N SER A 96 7.75 3.61 -19.90
CA SER A 96 7.55 3.05 -18.57
C SER A 96 6.24 2.30 -18.38
N TRP A 97 5.13 2.88 -18.83
CA TRP A 97 3.84 2.23 -18.67
C TRP A 97 3.76 0.96 -19.54
N GLN A 98 4.44 0.97 -20.69
CA GLN A 98 4.44 -0.21 -21.54
C GLN A 98 5.22 -1.33 -20.85
N ARG A 99 6.28 -0.95 -20.13
CA ARG A 99 7.09 -1.92 -19.41
C ARG A 99 6.27 -2.51 -18.27
N LEU A 100 5.57 -1.65 -17.54
CA LEU A 100 4.73 -2.08 -16.42
C LEU A 100 3.74 -3.14 -16.90
N ALA A 101 3.06 -2.85 -18.00
CA ALA A 101 2.06 -3.76 -18.57
C ALA A 101 2.63 -5.07 -19.09
N ASP A 102 3.80 -4.99 -19.73
CA ASP A 102 4.46 -6.15 -20.31
C ASP A 102 4.60 -7.32 -19.32
N PRO A 103 4.00 -8.47 -19.65
CA PRO A 103 4.05 -9.67 -18.80
C PRO A 103 5.50 -10.10 -18.56
N LYS A 104 6.39 -9.69 -19.47
CA LYS A 104 7.80 -10.03 -19.35
C LYS A 104 8.40 -9.40 -18.11
N THR A 105 7.83 -8.27 -17.71
CA THR A 105 8.32 -7.55 -16.53
C THR A 105 7.84 -8.20 -15.24
N VAL A 106 6.76 -8.97 -15.33
CA VAL A 106 6.17 -9.66 -14.18
C VAL A 106 5.98 -8.71 -12.99
N SER A 107 5.41 -7.54 -13.26
CA SER A 107 5.18 -6.58 -12.20
C SER A 107 4.01 -6.92 -11.31
N PRO A 108 4.19 -6.87 -9.99
CA PRO A 108 3.08 -7.12 -9.11
C PRO A 108 2.00 -6.06 -9.27
N TYR A 109 2.32 -4.97 -9.97
CA TYR A 109 1.37 -3.89 -10.20
C TYR A 109 0.98 -3.68 -11.66
N ALA A 110 1.07 -4.73 -12.47
CA ALA A 110 0.70 -4.66 -13.87
C ALA A 110 -0.77 -4.28 -14.03
N SER A 111 -1.60 -4.77 -13.11
CA SER A 111 -3.04 -4.51 -13.13
C SER A 111 -3.41 -3.07 -12.83
N TYR A 112 -2.47 -2.31 -12.29
CA TYR A 112 -2.77 -0.92 -11.97
C TYR A 112 -3.24 -0.22 -13.24
N LEU A 113 -2.72 -0.65 -14.38
CA LEU A 113 -3.10 -0.06 -15.66
C LEU A 113 -4.51 -0.53 -16.02
N GLN A 114 -4.94 -1.65 -15.42
CA GLN A 114 -6.27 -2.17 -15.66
C GLN A 114 -7.22 -1.34 -14.80
N TYR A 115 -6.76 -0.94 -13.61
CA TYR A 115 -7.57 -0.12 -12.72
C TYR A 115 -7.77 1.23 -13.37
N ALA A 116 -6.73 1.70 -14.07
CA ALA A 116 -6.76 2.99 -14.74
C ALA A 116 -7.58 2.87 -16.03
N HIS A 117 -7.72 1.64 -16.51
CA HIS A 117 -8.48 1.36 -17.72
C HIS A 117 -7.88 1.86 -19.03
N LEU A 118 -6.56 1.81 -19.14
CA LEU A 118 -5.93 2.23 -20.39
C LEU A 118 -6.40 1.25 -21.46
N THR A 119 -6.56 1.72 -22.69
CA THR A 119 -7.02 0.85 -23.77
C THR A 119 -6.01 -0.28 -24.11
N ASN A 120 -6.53 -1.48 -24.38
CA ASN A 120 -5.77 -2.71 -24.75
C ASN A 120 -4.94 -3.33 -23.61
N ILE A 121 -5.06 -2.80 -22.40
CA ILE A 121 -4.29 -3.37 -21.32
C ILE A 121 -4.59 -4.83 -21.06
N ASP A 122 -5.85 -5.25 -21.20
CA ASP A 122 -6.20 -6.63 -20.93
C ASP A 122 -5.51 -7.61 -21.87
N ASP A 123 -5.45 -7.29 -23.16
CA ASP A 123 -4.78 -8.19 -24.11
C ASP A 123 -3.27 -8.18 -23.93
N ILE A 124 -2.72 -7.06 -23.46
CA ILE A 124 -1.29 -6.97 -23.23
C ILE A 124 -0.88 -7.85 -22.07
N ILE A 125 -1.59 -7.72 -20.95
CA ILE A 125 -1.29 -8.50 -19.75
C ILE A 125 -1.35 -10.00 -20.00
N THR A 126 -2.34 -10.44 -20.80
CA THR A 126 -2.48 -11.85 -21.11
C THR A 126 -1.44 -12.30 -22.13
N GLY A 127 -0.83 -11.34 -22.81
CA GLY A 127 0.19 -11.64 -23.81
C GLY A 127 -0.33 -11.74 -25.23
N LYS A 128 -1.60 -11.43 -25.44
CA LYS A 128 -2.21 -11.49 -26.77
C LYS A 128 -1.82 -10.33 -27.66
N ALA A 129 -1.49 -9.19 -27.06
CA ALA A 129 -1.11 -8.01 -27.83
C ALA A 129 0.21 -7.44 -27.32
N ALA A 130 0.92 -6.74 -28.20
CA ALA A 130 2.19 -6.14 -27.84
C ALA A 130 1.97 -4.90 -26.97
N PRO A 131 2.88 -4.64 -26.01
CA PRO A 131 2.81 -3.51 -25.10
C PRO A 131 2.65 -2.16 -25.82
N ASP A 132 3.18 -2.05 -27.03
CA ASP A 132 3.08 -0.81 -27.78
C ASP A 132 1.67 -0.48 -28.24
N THR A 133 0.70 -1.34 -27.93
CA THR A 133 -0.68 -1.07 -28.31
C THR A 133 -1.40 -0.40 -27.15
N LEU A 134 -0.68 -0.20 -26.04
CA LEU A 134 -1.24 0.42 -24.85
C LEU A 134 -1.69 1.85 -25.15
N GLY A 135 -2.87 2.22 -24.65
CA GLY A 135 -3.42 3.54 -24.89
C GLY A 135 -2.68 4.73 -24.29
N VAL A 136 -1.39 4.84 -24.57
CA VAL A 136 -0.58 5.94 -24.08
C VAL A 136 0.43 6.31 -25.15
N LYS A 137 0.51 7.59 -25.49
CA LYS A 137 1.44 8.02 -26.51
C LYS A 137 1.90 9.46 -26.33
N ALA A 138 3.07 9.75 -26.88
CA ALA A 138 3.64 11.08 -26.80
C ALA A 138 3.24 11.85 -28.06
N LEU A 139 2.39 12.86 -27.90
CA LEU A 139 1.96 13.67 -29.04
C LEU A 139 3.22 14.39 -29.54
N ASP A 140 4.06 14.79 -28.58
CA ASP A 140 5.35 15.42 -28.83
C ASP A 140 6.15 15.09 -27.57
N ASP A 141 7.44 15.41 -27.55
CA ASP A 141 8.25 15.04 -26.39
C ASP A 141 7.84 15.65 -25.04
N HIS A 142 6.81 16.50 -25.02
CA HIS A 142 6.36 17.10 -23.76
C HIS A 142 4.85 17.05 -23.58
N THR A 143 4.19 16.28 -24.43
CA THR A 143 2.74 16.15 -24.33
C THR A 143 2.37 14.69 -24.30
N LEU A 144 1.79 14.27 -23.18
CA LEU A 144 1.38 12.89 -23.04
C LEU A 144 -0.12 12.78 -23.05
N GLU A 145 -0.60 11.91 -23.91
CA GLU A 145 -2.02 11.67 -24.03
C GLU A 145 -2.30 10.27 -23.57
N VAL A 146 -3.28 10.14 -22.69
CA VAL A 146 -3.67 8.85 -22.14
C VAL A 146 -5.11 8.60 -22.53
N THR A 147 -5.35 7.48 -23.22
CA THR A 147 -6.69 7.13 -23.67
C THR A 147 -7.23 5.96 -22.86
N LEU A 148 -8.39 6.16 -22.24
CA LEU A 148 -9.01 5.12 -21.44
C LEU A 148 -10.17 4.44 -22.16
N SER A 149 -10.49 3.23 -21.73
CA SER A 149 -11.58 2.48 -22.34
C SER A 149 -12.91 2.98 -21.79
N GLU A 150 -12.85 3.76 -20.72
CA GLU A 150 -14.05 4.32 -20.09
C GLU A 150 -13.67 5.49 -19.20
N PRO A 151 -14.64 6.38 -18.88
CA PRO A 151 -14.32 7.52 -18.03
C PRO A 151 -13.88 7.13 -16.62
N VAL A 152 -12.77 7.72 -16.19
CA VAL A 152 -12.21 7.47 -14.85
C VAL A 152 -11.91 8.82 -14.22
N PRO A 153 -12.90 9.40 -13.51
CA PRO A 153 -12.81 10.69 -12.84
C PRO A 153 -11.63 10.83 -11.89
N TYR A 154 -11.28 9.74 -11.22
CA TYR A 154 -10.19 9.75 -10.26
C TYR A 154 -8.83 9.35 -10.82
N LEU A 155 -8.63 9.48 -12.13
CA LEU A 155 -7.35 9.10 -12.72
C LEU A 155 -6.21 9.90 -12.11
N ASP A 156 -6.43 11.19 -11.87
CA ASP A 156 -5.40 12.06 -11.30
C ASP A 156 -4.89 11.54 -9.96
N LYS A 157 -5.78 11.08 -9.10
CA LYS A 157 -5.36 10.54 -7.80
C LYS A 157 -4.58 9.25 -7.98
N LEU A 158 -5.05 8.42 -8.90
CA LEU A 158 -4.43 7.13 -9.20
C LEU A 158 -2.98 7.21 -9.69
N LEU A 159 -2.70 8.20 -10.53
CA LEU A 159 -1.36 8.40 -11.11
C LEU A 159 -0.24 8.77 -10.13
N ALA A 160 -0.57 9.07 -8.88
CA ALA A 160 0.45 9.43 -7.91
C ALA A 160 1.21 8.20 -7.41
N HIS A 161 0.72 7.01 -7.75
CA HIS A 161 1.35 5.76 -7.30
C HIS A 161 2.71 5.46 -7.91
N PRO A 162 3.70 5.11 -7.03
CA PRO A 162 5.08 4.83 -7.38
C PRO A 162 5.14 4.01 -8.60
N LEU A 163 4.35 3.01 -8.58
CA LEU A 163 4.37 2.13 -9.75
C LEU A 163 4.16 2.86 -11.13
N MET A 164 3.60 4.12 -11.17
CA MET A 164 3.35 4.88 -12.40
C MET A 164 4.45 5.91 -12.69
N SER A 165 5.53 5.78 -11.93
CA SER A 165 6.67 6.68 -12.06
C SER A 165 7.49 6.17 -13.24
N PRO A 166 8.23 7.06 -13.89
CA PRO A 166 9.04 6.67 -15.04
C PRO A 166 10.41 6.11 -14.68
N VAL A 167 10.96 5.32 -15.58
CA VAL A 167 12.30 4.78 -15.42
C VAL A 167 13.02 5.25 -16.68
N ASN A 168 14.34 5.29 -16.62
CA ASN A 168 15.13 5.74 -17.75
C ASN A 168 15.48 4.56 -18.65
N LYS A 169 14.84 4.51 -19.82
CA LYS A 169 15.05 3.43 -20.79
C LYS A 169 16.51 3.12 -21.05
N THR A 170 17.29 4.15 -21.33
CA THR A 170 18.71 3.97 -21.60
C THR A 170 19.38 3.18 -20.48
N VAL A 171 19.24 3.67 -19.25
CA VAL A 171 19.83 3.03 -18.08
C VAL A 171 19.34 1.59 -17.86
N VAL A 172 18.02 1.40 -17.91
CA VAL A 172 17.42 0.09 -17.69
C VAL A 172 17.90 -0.98 -18.68
N GLU A 173 17.86 -0.66 -19.97
CA GLU A 173 18.31 -1.61 -20.97
C GLU A 173 19.81 -1.83 -20.90
N LYS A 174 20.53 -0.79 -20.46
CA LYS A 174 21.98 -0.85 -20.36
C LYS A 174 22.55 -1.77 -19.26
N PHE A 175 22.02 -1.67 -18.04
CA PHE A 175 22.52 -2.52 -16.94
C PHE A 175 21.52 -3.57 -16.50
N GLY A 176 20.39 -3.62 -17.18
CA GLY A 176 19.37 -4.58 -16.80
C GLY A 176 19.12 -4.57 -15.30
N GLU A 177 19.12 -5.76 -14.72
CA GLU A 177 18.88 -5.99 -13.30
C GLU A 177 19.79 -5.18 -12.43
N LYS A 178 20.91 -4.76 -12.97
CA LYS A 178 21.76 -3.99 -12.12
C LYS A 178 21.53 -2.50 -12.23
N TRP A 179 20.48 -2.06 -12.91
CA TRP A 179 20.27 -0.61 -12.99
C TRP A 179 19.96 0.16 -11.68
N THR A 180 19.38 -0.49 -10.65
CA THR A 180 19.00 0.16 -9.36
C THR A 180 20.15 0.24 -8.37
N GLN A 181 21.33 -0.29 -8.79
CA GLN A 181 22.54 -0.30 -7.97
C GLN A 181 23.01 1.14 -7.79
N PRO A 182 23.57 1.49 -6.61
CA PRO A 182 24.03 2.86 -6.34
C PRO A 182 24.77 3.57 -7.49
N GLN A 183 25.69 2.86 -8.13
CA GLN A 183 26.47 3.44 -9.22
C GLN A 183 25.71 3.62 -10.54
N ASN A 184 24.62 2.89 -10.70
CA ASN A 184 23.84 2.96 -11.94
C ASN A 184 22.50 3.70 -11.86
N PHE A 185 21.91 3.74 -10.68
CA PHE A 185 20.61 4.37 -10.49
C PHE A 185 20.44 5.80 -11.00
N VAL A 186 19.42 5.99 -11.83
CA VAL A 186 19.08 7.28 -12.39
C VAL A 186 17.59 7.52 -12.15
N GLY A 187 17.26 8.62 -11.49
CA GLY A 187 15.87 8.93 -11.21
C GLY A 187 15.56 10.39 -11.47
N ASN A 188 14.32 10.79 -11.22
CA ASN A 188 13.91 12.17 -11.45
C ASN A 188 13.27 12.77 -10.20
N GLY A 189 13.39 12.08 -9.07
CA GLY A 189 12.81 12.59 -7.84
C GLY A 189 13.67 13.65 -7.16
N ALA A 190 13.35 13.97 -5.93
CA ALA A 190 14.09 14.98 -5.18
C ALA A 190 15.42 14.44 -4.62
N TYR A 191 15.54 13.13 -4.53
CA TYR A 191 16.75 12.49 -4.01
C TYR A 191 17.29 11.47 -4.98
N LYS A 192 18.55 11.09 -4.78
CA LYS A 192 19.17 10.08 -5.63
C LYS A 192 19.86 9.08 -4.71
N LEU A 193 20.03 7.86 -5.20
CA LEU A 193 20.65 6.80 -4.43
C LEU A 193 22.16 6.96 -4.24
N LYS A 194 22.54 7.16 -2.99
CA LYS A 194 23.94 7.31 -2.61
C LYS A 194 24.54 5.96 -2.27
N ASP A 195 23.84 5.23 -1.40
CA ASP A 195 24.33 3.93 -0.97
C ASP A 195 23.24 2.92 -0.59
N TRP A 196 23.56 1.64 -0.74
CA TRP A 196 22.62 0.55 -0.43
C TRP A 196 23.32 -0.71 0.09
N ILE A 197 23.17 -0.99 1.38
CA ILE A 197 23.75 -2.18 1.98
C ILE A 197 22.61 -3.08 2.43
N VAL A 198 22.43 -4.23 1.77
CA VAL A 198 21.34 -5.14 2.08
C VAL A 198 21.24 -5.52 3.60
N ASN A 199 20.09 -5.22 4.29
CA ASN A 199 19.81 -5.54 5.73
C ASN A 199 20.39 -4.59 6.70
N GLU A 200 21.05 -3.60 6.14
CA GLU A 200 21.62 -2.60 7.01
C GLU A 200 21.09 -1.22 6.74
N ARG A 201 21.18 -0.77 5.50
CA ARG A 201 20.69 0.57 5.19
C ARG A 201 20.67 0.95 3.73
N ILE A 202 19.99 2.07 3.47
CA ILE A 202 19.85 2.64 2.15
C ILE A 202 19.99 4.14 2.38
N VAL A 203 20.96 4.75 1.71
CA VAL A 203 21.16 6.18 1.87
C VAL A 203 20.83 6.96 0.60
N LEU A 204 20.05 8.01 0.76
CA LEU A 204 19.63 8.88 -0.33
C LEU A 204 20.19 10.28 -0.06
N GLU A 205 20.59 10.98 -1.12
CA GLU A 205 21.16 12.32 -1.01
C GLU A 205 20.42 13.29 -1.94
N ARG A 206 20.35 14.56 -1.57
CA ARG A 206 19.67 15.58 -2.39
C ARG A 206 20.06 15.53 -3.87
N SER A 207 19.06 15.58 -4.75
CA SER A 207 19.30 15.54 -6.21
C SER A 207 19.19 16.95 -6.80
N PRO A 208 20.34 17.57 -7.10
CA PRO A 208 20.43 18.92 -7.69
C PRO A 208 19.59 19.16 -8.94
N THR A 209 19.40 18.11 -9.72
CA THR A 209 18.65 18.19 -10.96
C THR A 209 17.14 18.26 -10.79
N TYR A 210 16.66 17.93 -9.58
CA TYR A 210 15.23 17.94 -9.33
C TYR A 210 14.69 19.34 -9.55
N TRP A 211 13.70 19.39 -10.41
CA TRP A 211 13.10 20.65 -10.74
C TRP A 211 12.65 21.52 -9.56
N ASP A 212 12.31 20.95 -8.39
CA ASP A 212 11.86 21.77 -7.25
C ASP A 212 12.90 21.76 -6.13
N ASN A 213 14.14 21.49 -6.50
CA ASN A 213 15.25 21.41 -5.57
C ASN A 213 15.38 22.61 -4.64
N ALA A 214 15.07 23.79 -5.15
CA ALA A 214 15.16 25.02 -4.36
C ALA A 214 14.36 24.96 -3.06
N LYS A 215 13.33 24.13 -3.02
CA LYS A 215 12.49 24.01 -1.83
C LYS A 215 12.89 22.81 -0.96
N THR A 216 13.72 21.93 -1.49
CA THR A 216 14.16 20.76 -0.75
C THR A 216 15.10 21.20 0.37
N VAL A 217 14.87 20.70 1.57
CA VAL A 217 15.68 21.07 2.72
C VAL A 217 16.62 19.97 3.22
N ILE A 218 16.08 18.77 3.44
CA ILE A 218 16.91 17.65 3.89
C ILE A 218 17.91 17.31 2.80
N ASN A 219 19.19 17.24 3.16
CA ASN A 219 20.25 16.93 2.20
C ASN A 219 20.55 15.44 2.13
N GLN A 220 20.22 14.70 3.18
CA GLN A 220 20.46 13.27 3.20
C GLN A 220 19.50 12.54 4.12
N VAL A 221 18.95 11.45 3.61
CA VAL A 221 18.03 10.65 4.40
C VAL A 221 18.45 9.20 4.35
N THR A 222 18.35 8.53 5.49
CA THR A 222 18.72 7.14 5.57
C THR A 222 17.51 6.30 5.96
N TYR A 223 17.27 5.26 5.18
CA TYR A 223 16.17 4.35 5.40
C TYR A 223 16.70 3.04 5.97
N LEU A 224 16.23 2.69 7.17
CA LEU A 224 16.67 1.46 7.80
C LEU A 224 15.64 0.35 7.60
N PRO A 225 16.10 -0.92 7.58
CA PRO A 225 15.24 -2.08 7.39
C PRO A 225 14.91 -2.84 8.68
N ILE A 226 14.67 -2.13 9.78
CA ILE A 226 14.38 -2.79 11.05
C ILE A 226 12.93 -3.28 11.15
N SER A 227 12.75 -4.60 11.19
CA SER A 227 11.43 -5.19 11.29
C SER A 227 10.93 -5.34 12.72
N SER A 228 11.84 -5.25 13.68
CA SER A 228 11.45 -5.33 15.08
C SER A 228 11.01 -3.93 15.52
N GLU A 229 9.72 -3.76 15.72
CA GLU A 229 9.20 -2.47 16.15
C GLU A 229 9.80 -2.08 17.50
N VAL A 230 10.11 -3.08 18.33
CA VAL A 230 10.72 -2.85 19.65
C VAL A 230 12.10 -2.20 19.48
N THR A 231 12.94 -2.82 18.62
CA THR A 231 14.31 -2.40 18.36
C THR A 231 14.24 -1.08 17.75
N ASP A 232 13.27 -0.94 16.89
CA ASP A 232 12.98 0.32 16.22
C ASP A 232 12.74 1.45 17.21
N VAL A 233 11.86 1.23 18.18
CA VAL A 233 11.48 2.24 19.18
C VAL A 233 12.67 2.57 20.11
N ASN A 234 13.24 1.51 20.65
CA ASN A 234 14.39 1.60 21.49
C ASN A 234 15.44 2.18 20.59
N ARG A 235 15.29 2.13 19.26
CA ARG A 235 16.32 2.73 18.38
C ARG A 235 15.75 3.91 17.67
N TYR A 236 15.15 4.66 18.53
CA TYR A 236 14.55 5.95 18.32
C TYR A 236 14.86 6.66 19.62
N ARG A 237 14.61 5.95 20.72
CA ARG A 237 14.84 6.51 22.03
C ARG A 237 16.31 6.77 22.36
N SER A 238 17.22 5.93 21.83
CA SER A 238 18.65 6.14 22.08
C SER A 238 19.21 7.25 21.17
N GLY A 239 18.34 7.81 20.33
CA GLY A 239 18.74 8.88 19.44
C GLY A 239 19.23 8.55 18.03
N GLU A 240 19.40 7.27 17.74
CA GLU A 240 19.88 6.87 16.42
C GLU A 240 18.84 7.00 15.29
N ILE A 241 17.56 7.09 15.65
CA ILE A 241 16.49 7.20 14.64
C ILE A 241 15.55 8.40 14.87
N ASP A 242 15.28 9.15 13.80
CA ASP A 242 14.44 10.36 13.82
C ASP A 242 12.93 10.14 13.63
N MET A 243 12.61 9.10 12.90
CA MET A 243 11.24 8.78 12.61
C MET A 243 11.16 7.28 12.55
N THR A 244 10.30 6.71 13.36
CA THR A 244 10.14 5.28 13.38
C THR A 244 9.24 4.93 12.21
N TYR A 245 9.12 3.63 11.94
CA TYR A 245 8.25 3.17 10.88
C TYR A 245 6.88 3.32 11.54
N ASN A 246 5.80 3.31 10.77
CA ASN A 246 4.50 3.49 11.40
C ASN A 246 3.82 2.20 11.87
N ASN A 247 4.55 1.45 12.70
CA ASN A 247 4.10 0.21 13.31
C ASN A 247 4.62 0.26 14.75
N MET A 248 3.73 0.47 15.71
CA MET A 248 4.17 0.54 17.11
C MET A 248 4.01 -0.79 17.83
N PRO A 249 5.03 -1.17 18.61
CA PRO A 249 4.99 -2.43 19.36
C PRO A 249 4.02 -2.32 20.53
N ILE A 250 3.26 -3.37 20.77
CA ILE A 250 2.29 -3.36 21.86
C ILE A 250 2.99 -3.30 23.22
N GLU A 251 4.20 -3.88 23.29
CA GLU A 251 4.95 -3.88 24.53
C GLU A 251 5.25 -2.47 25.04
N LEU A 252 5.55 -1.55 24.13
CA LEU A 252 5.94 -0.20 24.52
C LEU A 252 4.99 0.97 24.24
N PHE A 253 3.88 0.74 23.56
CA PHE A 253 2.95 1.83 23.24
C PHE A 253 2.54 2.73 24.40
N GLN A 254 1.95 2.14 25.45
CA GLN A 254 1.51 2.93 26.59
C GLN A 254 2.65 3.65 27.27
N LYS A 255 3.81 2.99 27.39
CA LYS A 255 4.96 3.61 28.03
C LYS A 255 5.37 4.85 27.24
N LEU A 256 5.35 4.75 25.92
CA LEU A 256 5.72 5.85 25.06
C LEU A 256 4.77 7.04 25.22
N LYS A 257 3.46 6.74 25.31
CA LYS A 257 2.46 7.79 25.47
C LYS A 257 2.66 8.54 26.78
N LYS A 258 3.15 7.84 27.79
CA LYS A 258 3.40 8.43 29.10
C LYS A 258 4.68 9.26 29.16
N GLU A 259 5.74 8.74 28.55
CA GLU A 259 7.03 9.42 28.58
C GLU A 259 7.25 10.52 27.54
N ILE A 260 6.83 10.29 26.29
CA ILE A 260 7.00 11.30 25.25
C ILE A 260 5.70 11.51 24.45
N PRO A 261 4.67 11.99 25.12
CA PRO A 261 3.31 12.24 24.56
C PRO A 261 3.27 12.99 23.24
N ASP A 262 4.00 14.09 23.17
CA ASP A 262 4.00 14.93 21.95
C ASP A 262 4.77 14.33 20.77
N GLN A 263 5.50 13.25 20.98
CA GLN A 263 6.25 12.63 19.89
C GLN A 263 5.49 11.45 19.31
N VAL A 264 4.43 11.03 20.00
CA VAL A 264 3.63 9.90 19.54
C VAL A 264 2.48 10.40 18.66
N HIS A 265 2.59 10.14 17.36
CA HIS A 265 1.55 10.56 16.42
C HIS A 265 0.66 9.40 16.01
N VAL A 266 -0.65 9.59 16.16
CA VAL A 266 -1.63 8.58 15.79
C VAL A 266 -2.71 9.28 14.97
N ASP A 267 -2.71 9.00 13.68
CA ASP A 267 -3.67 9.62 12.77
C ASP A 267 -4.43 8.64 11.89
N PRO A 268 -5.58 9.06 11.35
CA PRO A 268 -6.39 8.20 10.49
C PRO A 268 -5.51 7.74 9.33
N TYR A 269 -5.59 6.46 9.01
CA TYR A 269 -4.77 5.89 7.95
C TYR A 269 -5.68 4.96 7.14
N LEU A 270 -5.72 5.16 5.84
CA LEU A 270 -6.56 4.34 4.97
C LEU A 270 -5.94 3.00 4.63
N CYS A 271 -5.97 2.10 5.60
CA CYS A 271 -5.45 0.76 5.38
C CYS A 271 -6.26 -0.18 6.27
N THR A 272 -6.37 -1.42 5.84
CA THR A 272 -7.15 -2.42 6.56
C THR A 272 -6.30 -3.64 6.88
N TYR A 273 -6.32 -4.04 8.14
CA TYR A 273 -5.59 -5.21 8.63
C TYR A 273 -6.60 -6.35 8.55
N TYR A 274 -6.24 -7.44 7.89
CA TYR A 274 -7.16 -8.56 7.77
C TYR A 274 -6.40 -9.86 7.72
N TYR A 275 -7.09 -10.97 7.97
CA TYR A 275 -6.44 -12.25 7.85
C TYR A 275 -6.89 -12.74 6.48
N GLU A 276 -5.90 -12.97 5.64
CA GLU A 276 -6.10 -13.39 4.27
C GLU A 276 -6.22 -14.91 4.16
N ILE A 277 -7.37 -15.35 3.70
CA ILE A 277 -7.66 -16.77 3.52
C ILE A 277 -7.37 -17.16 2.08
N ASN A 278 -6.58 -18.20 1.89
CA ASN A 278 -6.25 -18.68 0.55
C ASN A 278 -7.52 -19.30 0.00
N ASN A 279 -8.24 -18.58 -0.85
CA ASN A 279 -9.50 -19.08 -1.41
C ASN A 279 -9.44 -20.25 -2.39
N GLN A 280 -8.25 -20.63 -2.85
CA GLN A 280 -8.12 -21.73 -3.79
C GLN A 280 -7.45 -22.94 -3.17
N LYS A 281 -7.15 -22.86 -1.88
CA LYS A 281 -6.50 -23.96 -1.20
C LYS A 281 -7.41 -24.68 -0.24
N ALA A 282 -7.46 -25.97 -0.43
CA ALA A 282 -8.32 -26.87 0.28
C ALA A 282 -8.27 -26.95 1.80
N PRO A 283 -9.50 -26.72 2.18
CA PRO A 283 -10.64 -26.59 3.13
C PRO A 283 -11.12 -25.15 3.04
N PHE A 284 -10.24 -24.23 2.66
CA PHE A 284 -10.64 -22.85 2.59
C PHE A 284 -11.42 -22.50 1.33
N THR A 285 -11.56 -23.48 0.44
CA THR A 285 -12.34 -23.31 -0.77
C THR A 285 -13.81 -23.38 -0.34
N ASP A 286 -14.04 -23.94 0.85
CA ASP A 286 -15.37 -24.07 1.42
C ASP A 286 -15.74 -22.75 2.08
N ALA A 287 -16.81 -22.11 1.60
CA ALA A 287 -17.26 -20.84 2.15
C ALA A 287 -17.69 -20.92 3.60
N ARG A 288 -18.06 -22.12 4.06
CA ARG A 288 -18.49 -22.29 5.44
C ARG A 288 -17.29 -22.20 6.38
N VAL A 289 -16.18 -22.81 5.98
CA VAL A 289 -14.97 -22.77 6.78
C VAL A 289 -14.49 -21.33 6.86
N ARG A 290 -14.46 -20.66 5.71
CA ARG A 290 -14.03 -19.27 5.69
C ARG A 290 -14.93 -18.42 6.58
N GLU A 291 -16.24 -18.52 6.39
CA GLU A 291 -17.20 -17.75 7.18
C GLU A 291 -17.04 -17.99 8.68
N ALA A 292 -16.76 -19.23 9.07
CA ALA A 292 -16.59 -19.54 10.48
C ALA A 292 -15.42 -18.76 11.07
N LEU A 293 -14.31 -18.71 10.36
CA LEU A 293 -13.14 -17.97 10.84
C LEU A 293 -13.44 -16.48 10.86
N LYS A 294 -14.25 -16.03 9.91
CA LYS A 294 -14.59 -14.63 9.85
C LYS A 294 -15.42 -14.28 11.08
N LEU A 295 -16.45 -15.07 11.36
CA LEU A 295 -17.31 -14.81 12.50
C LEU A 295 -16.64 -15.12 13.85
N GLY A 296 -15.81 -16.16 13.87
CA GLY A 296 -15.14 -16.56 15.11
C GLY A 296 -14.13 -15.61 15.70
N MET A 297 -13.54 -14.75 14.87
CA MET A 297 -12.55 -13.78 15.33
C MET A 297 -13.25 -12.74 16.20
N ASP A 298 -12.65 -12.38 17.32
CA ASP A 298 -13.24 -11.38 18.21
C ASP A 298 -12.49 -10.07 18.06
N ARG A 299 -13.04 -9.19 17.22
CA ARG A 299 -12.43 -7.90 16.95
C ARG A 299 -12.31 -7.00 18.16
N ASP A 300 -13.30 -7.06 19.05
CA ASP A 300 -13.28 -6.24 20.25
C ASP A 300 -12.08 -6.60 21.13
N ILE A 301 -11.77 -7.89 21.23
CA ILE A 301 -10.63 -8.33 22.03
C ILE A 301 -9.31 -7.95 21.40
N ILE A 302 -9.06 -8.48 20.21
CA ILE A 302 -7.81 -8.23 19.51
C ILE A 302 -7.54 -6.76 19.18
N VAL A 303 -8.59 -6.00 18.87
CA VAL A 303 -8.41 -4.59 18.53
C VAL A 303 -8.36 -3.63 19.71
N ASN A 304 -9.39 -3.67 20.56
CA ASN A 304 -9.46 -2.77 21.70
C ASN A 304 -8.79 -3.26 22.98
N LYS A 305 -8.48 -4.56 23.06
CA LYS A 305 -7.86 -5.07 24.27
C LYS A 305 -6.42 -5.54 24.11
N VAL A 306 -6.09 -6.13 22.96
CA VAL A 306 -4.72 -6.57 22.73
C VAL A 306 -3.87 -5.44 22.16
N LYS A 307 -4.30 -4.88 21.04
CA LYS A 307 -3.56 -3.78 20.40
C LYS A 307 -3.84 -2.43 21.06
N ASN A 308 -5.12 -2.07 21.16
CA ASN A 308 -5.54 -0.82 21.78
C ASN A 308 -4.65 0.38 21.44
N GLN A 309 -4.58 0.72 20.16
CA GLN A 309 -3.76 1.85 19.72
C GLN A 309 -4.57 2.89 18.95
N GLY A 310 -5.90 2.72 18.94
CA GLY A 310 -6.77 3.66 18.26
C GLY A 310 -7.44 3.14 17.00
N ASP A 311 -7.13 1.91 16.62
CA ASP A 311 -7.73 1.32 15.41
C ASP A 311 -9.22 1.09 15.57
N LEU A 312 -9.91 0.85 14.46
CA LEU A 312 -11.35 0.61 14.48
C LEU A 312 -11.67 -0.80 13.99
N PRO A 313 -12.44 -1.56 14.78
CA PRO A 313 -12.78 -2.92 14.38
C PRO A 313 -13.37 -2.86 12.97
N ALA A 314 -12.94 -3.77 12.10
CA ALA A 314 -13.41 -3.78 10.72
C ALA A 314 -14.50 -4.81 10.44
N TYR A 315 -15.44 -4.43 9.58
CA TYR A 315 -16.54 -5.29 9.21
C TYR A 315 -16.52 -5.57 7.71
N GLY A 316 -15.58 -4.93 7.02
CA GLY A 316 -15.44 -5.11 5.59
C GLY A 316 -14.01 -4.82 5.16
N PHE A 317 -13.79 -4.72 3.84
CA PHE A 317 -12.46 -4.46 3.32
C PHE A 317 -12.16 -2.97 3.18
N THR A 318 -13.02 -2.26 2.46
CA THR A 318 -12.83 -0.82 2.26
C THR A 318 -13.12 -0.03 3.52
N PRO A 319 -12.18 0.82 3.93
CA PRO A 319 -12.40 1.63 5.14
C PRO A 319 -13.58 2.54 4.89
N PRO A 320 -14.56 2.58 5.82
CA PRO A 320 -15.72 3.45 5.62
C PRO A 320 -15.41 4.94 5.54
N TYR A 321 -14.23 5.35 6.00
CA TYR A 321 -13.87 6.77 5.93
C TYR A 321 -13.11 7.14 4.67
N THR A 322 -13.12 6.22 3.70
CA THR A 322 -12.47 6.45 2.41
C THR A 322 -13.38 7.42 1.67
N SER A 323 -12.80 8.39 0.98
CA SER A 323 -13.61 9.36 0.24
C SER A 323 -14.48 8.66 -0.78
N GLY A 324 -15.78 8.90 -0.70
CA GLY A 324 -16.70 8.27 -1.65
C GLY A 324 -17.27 6.95 -1.21
N ALA A 325 -16.89 6.48 -0.03
CA ALA A 325 -17.42 5.22 0.46
C ALA A 325 -18.62 5.50 1.34
N GLU A 326 -19.70 4.76 1.11
CA GLU A 326 -20.91 4.92 1.90
C GLU A 326 -21.27 3.50 2.28
N LEU A 327 -20.67 3.02 3.36
CA LEU A 327 -20.90 1.67 3.81
C LEU A 327 -21.51 1.60 5.19
N THR A 328 -22.13 0.46 5.48
CA THR A 328 -22.75 0.18 6.77
C THR A 328 -22.40 -1.27 7.03
N PRO A 329 -22.05 -1.61 8.27
CA PRO A 329 -21.69 -2.97 8.66
C PRO A 329 -22.77 -4.03 8.39
N PRO A 330 -22.36 -5.27 8.08
CA PRO A 330 -23.32 -6.34 7.80
C PRO A 330 -24.06 -6.80 9.06
N GLU A 331 -25.17 -7.52 8.87
CA GLU A 331 -25.99 -7.99 9.99
C GLU A 331 -25.18 -8.59 11.13
N TRP A 332 -24.37 -9.59 10.82
CA TRP A 332 -23.57 -10.29 11.83
C TRP A 332 -22.68 -9.40 12.68
N PHE A 333 -22.35 -8.22 12.20
CA PHE A 333 -21.49 -7.33 12.96
C PHE A 333 -22.22 -6.82 14.20
N SER A 334 -23.55 -6.83 14.14
CA SER A 334 -24.39 -6.37 15.25
C SER A 334 -24.61 -7.38 16.38
N TRP A 335 -24.53 -8.67 16.06
CA TRP A 335 -24.72 -9.72 17.08
C TRP A 335 -23.66 -9.65 18.17
N THR A 336 -23.80 -10.56 19.13
CA THR A 336 -22.84 -10.66 20.23
C THR A 336 -21.81 -11.69 19.76
N GLN A 337 -20.59 -11.63 20.29
CA GLN A 337 -19.56 -12.57 19.88
C GLN A 337 -19.99 -14.00 20.20
N GLU A 338 -20.77 -14.15 21.26
CA GLU A 338 -21.26 -15.45 21.68
C GLU A 338 -22.13 -16.02 20.57
N LYS A 339 -23.03 -15.17 20.06
CA LYS A 339 -23.92 -15.54 18.97
C LYS A 339 -23.10 -15.94 17.74
N ARG A 340 -22.16 -15.07 17.35
CA ARG A 340 -21.30 -15.33 16.20
C ARG A 340 -20.56 -16.65 16.34
N ASN A 341 -20.09 -16.93 17.55
CA ASN A 341 -19.35 -18.16 17.83
C ASN A 341 -20.27 -19.35 17.69
N GLU A 342 -21.54 -19.12 17.95
CA GLU A 342 -22.53 -20.16 17.86
C GLU A 342 -22.65 -20.55 16.40
N VAL A 343 -22.90 -19.55 15.55
CA VAL A 343 -23.03 -19.76 14.12
C VAL A 343 -21.78 -20.41 13.53
N ALA A 344 -20.62 -19.84 13.84
CA ALA A 344 -19.35 -20.34 13.33
C ALA A 344 -19.10 -21.83 13.59
N LYS A 345 -19.38 -22.29 14.81
CA LYS A 345 -19.16 -23.70 15.12
C LYS A 345 -20.16 -24.59 14.38
N LYS A 346 -21.38 -24.09 14.20
CA LYS A 346 -22.40 -24.83 13.48
C LYS A 346 -21.90 -25.05 12.04
N LEU A 347 -21.39 -23.98 11.45
CA LEU A 347 -20.88 -24.02 10.07
C LEU A 347 -19.70 -25.00 9.95
N LEU A 348 -18.81 -25.00 10.94
CA LEU A 348 -17.66 -25.89 10.94
C LEU A 348 -18.13 -27.34 11.09
N ALA A 349 -19.24 -27.51 11.79
CA ALA A 349 -19.79 -28.80 12.01
C ALA A 349 -20.41 -29.36 10.74
N GLU A 350 -21.33 -28.65 10.20
CA GLU A 350 -21.97 -29.12 9.02
C GLU A 350 -21.01 -29.20 7.87
N ALA A 351 -19.80 -28.73 8.17
CA ALA A 351 -18.72 -28.80 7.16
C ALA A 351 -17.85 -30.03 7.39
N GLY A 352 -18.24 -30.83 8.38
CA GLY A 352 -17.52 -32.05 8.68
C GLY A 352 -16.45 -31.95 9.75
N TYR A 353 -16.42 -30.86 10.50
CA TYR A 353 -15.42 -30.69 11.55
C TYR A 353 -15.97 -30.92 12.97
N THR A 354 -15.23 -31.63 13.81
CA THR A 354 -15.66 -31.92 15.18
C THR A 354 -14.54 -31.89 16.22
N LYS A 355 -14.89 -32.22 17.46
CA LYS A 355 -13.93 -32.27 18.56
C LYS A 355 -12.89 -33.31 18.24
N ASP A 356 -13.34 -34.37 17.58
CA ASP A 356 -12.47 -35.48 17.22
C ASP A 356 -11.66 -35.19 15.97
N ASN A 357 -12.19 -34.32 15.12
CA ASN A 357 -11.49 -33.93 13.91
C ASN A 357 -11.70 -32.44 13.78
N PRO A 358 -10.80 -31.67 14.40
CA PRO A 358 -10.91 -30.22 14.34
C PRO A 358 -10.19 -29.64 13.13
N LEU A 359 -10.50 -28.38 12.84
CA LEU A 359 -9.89 -27.68 11.74
C LEU A 359 -8.50 -27.28 12.23
N LYS A 360 -7.47 -27.66 11.48
CA LYS A 360 -6.10 -27.35 11.86
C LYS A 360 -5.44 -26.70 10.64
N PHE A 361 -4.76 -25.59 10.87
CA PHE A 361 -4.09 -24.89 9.77
C PHE A 361 -2.99 -23.97 10.24
N SER A 362 -2.25 -23.41 9.29
CA SER A 362 -1.15 -22.51 9.60
C SER A 362 -1.51 -21.06 9.38
N LEU A 363 -0.94 -20.21 10.24
CA LEU A 363 -1.14 -18.78 10.16
C LEU A 363 0.24 -18.22 9.87
N LEU A 364 0.39 -17.59 8.71
CA LEU A 364 1.66 -17.02 8.29
C LEU A 364 1.70 -15.50 8.46
N TYR A 365 2.83 -14.99 8.95
CA TYR A 365 2.98 -13.55 9.12
C TYR A 365 4.43 -13.15 8.86
N ASN A 366 4.63 -11.89 8.51
CA ASN A 366 5.97 -11.40 8.24
C ASN A 366 6.63 -11.08 9.58
N THR A 367 7.90 -11.48 9.71
CA THR A 367 8.66 -11.26 10.93
C THR A 367 8.44 -9.87 11.51
N SER A 368 7.99 -9.84 12.76
CA SER A 368 7.71 -8.58 13.45
C SER A 368 7.20 -8.85 14.85
N ASP A 369 7.53 -7.93 15.78
CA ASP A 369 7.08 -8.02 17.13
C ASP A 369 5.54 -7.95 17.10
N LEU A 370 5.03 -6.87 16.47
CA LEU A 370 3.62 -6.56 16.38
C LEU A 370 2.77 -7.66 15.79
N HIS A 371 3.09 -8.06 14.57
CA HIS A 371 2.28 -9.09 13.95
C HIS A 371 2.43 -10.40 14.74
N LYS A 372 3.54 -10.64 15.37
CA LYS A 372 3.68 -11.88 16.12
C LYS A 372 2.67 -11.94 17.26
N LYS A 373 2.62 -10.86 18.03
CA LYS A 373 1.71 -10.78 19.17
C LYS A 373 0.26 -10.82 18.72
N LEU A 374 -0.03 -10.23 17.56
CA LEU A 374 -1.39 -10.24 17.05
C LEU A 374 -1.76 -11.65 16.57
N ALA A 375 -0.79 -12.34 15.97
CA ALA A 375 -1.00 -13.69 15.46
C ALA A 375 -1.25 -14.67 16.61
N ILE A 376 -0.54 -14.48 17.71
CA ILE A 376 -0.68 -15.33 18.89
C ILE A 376 -2.05 -15.08 19.50
N ALA A 377 -2.49 -13.83 19.46
CA ALA A 377 -3.79 -13.47 19.99
C ALA A 377 -4.88 -14.10 19.12
N ALA A 378 -4.67 -14.04 17.80
CA ALA A 378 -5.61 -14.59 16.83
C ALA A 378 -5.71 -16.10 16.93
N ALA A 379 -4.56 -16.76 17.01
CA ALA A 379 -4.56 -18.20 17.14
C ALA A 379 -5.32 -18.57 18.41
N SER A 380 -5.14 -17.78 19.46
CA SER A 380 -5.78 -18.03 20.76
C SER A 380 -7.26 -17.85 20.73
N ILE A 381 -7.68 -16.79 20.08
CA ILE A 381 -9.07 -16.49 20.00
C ILE A 381 -9.84 -17.55 19.21
N TRP A 382 -9.28 -17.98 18.07
CA TRP A 382 -9.94 -18.99 17.26
C TRP A 382 -10.05 -20.34 17.96
N LYS A 383 -9.02 -20.69 18.71
CA LYS A 383 -9.01 -21.95 19.43
C LYS A 383 -10.13 -21.98 20.46
N LYS A 384 -10.15 -20.97 21.33
CA LYS A 384 -11.16 -20.89 22.37
C LYS A 384 -12.57 -20.79 21.81
N ASN A 385 -12.76 -19.97 20.78
CA ASN A 385 -14.07 -19.76 20.17
C ASN A 385 -14.53 -20.82 19.17
N LEU A 386 -13.60 -21.43 18.45
CA LEU A 386 -13.96 -22.43 17.45
C LEU A 386 -13.35 -23.80 17.67
N GLY A 387 -12.35 -23.89 18.53
CA GLY A 387 -11.75 -25.19 18.77
C GLY A 387 -10.91 -25.65 17.61
N VAL A 388 -10.40 -24.68 16.85
CA VAL A 388 -9.55 -25.00 15.73
C VAL A 388 -8.11 -24.89 16.24
N ASP A 389 -7.19 -25.49 15.53
CA ASP A 389 -5.79 -25.47 15.91
C ASP A 389 -4.95 -24.77 14.83
N VAL A 390 -4.20 -23.76 15.27
CA VAL A 390 -3.48 -22.91 14.37
C VAL A 390 -2.01 -22.91 14.68
N LYS A 391 -1.18 -23.23 13.69
CA LYS A 391 0.26 -23.25 13.88
C LYS A 391 0.84 -21.97 13.28
N LEU A 392 1.52 -21.18 14.10
CA LEU A 392 2.12 -19.94 13.62
C LEU A 392 3.38 -20.18 12.82
N GLU A 393 3.63 -19.30 11.85
CA GLU A 393 4.81 -19.37 10.99
C GLU A 393 5.18 -17.97 10.51
N ASN A 394 6.46 -17.64 10.55
CA ASN A 394 6.89 -16.32 10.11
C ASN A 394 7.92 -16.38 9.00
N GLN A 395 7.94 -15.35 8.17
CA GLN A 395 8.88 -15.26 7.05
C GLN A 395 9.28 -13.80 6.89
N GLU A 396 10.43 -13.56 6.27
CA GLU A 396 10.88 -12.20 6.07
C GLU A 396 9.96 -11.56 5.02
N TRP A 397 9.80 -10.25 5.10
CA TRP A 397 8.92 -9.49 4.20
C TRP A 397 8.90 -9.94 2.74
N LYS A 398 10.05 -9.93 2.08
CA LYS A 398 10.14 -10.32 0.67
C LYS A 398 9.64 -11.73 0.36
N THR A 399 9.98 -12.68 1.23
CA THR A 399 9.55 -14.07 1.07
C THR A 399 8.07 -14.18 1.38
N PHE A 400 7.65 -13.46 2.41
CA PHE A 400 6.26 -13.42 2.86
C PHE A 400 5.36 -13.09 1.68
N LEU A 401 5.69 -12.02 0.96
CA LEU A 401 4.90 -11.60 -0.18
C LEU A 401 4.91 -12.63 -1.29
N ASP A 402 6.09 -13.16 -1.60
CA ASP A 402 6.21 -14.17 -2.65
C ASP A 402 5.32 -15.37 -2.31
N THR A 403 5.42 -15.84 -1.07
CA THR A 403 4.62 -16.97 -0.61
C THR A 403 3.13 -16.73 -0.86
N ARG A 404 2.65 -15.53 -0.54
CA ARG A 404 1.24 -15.20 -0.73
C ARG A 404 0.82 -15.22 -2.20
N HIS A 405 1.65 -14.68 -3.08
CA HIS A 405 1.34 -14.68 -4.50
C HIS A 405 1.32 -16.11 -5.04
N GLN A 406 2.25 -16.93 -4.56
CA GLN A 406 2.34 -18.32 -4.98
C GLN A 406 1.22 -19.17 -4.41
N GLY A 407 0.52 -18.64 -3.41
CA GLY A 407 -0.57 -19.39 -2.81
C GLY A 407 -0.13 -20.54 -1.92
N THR A 408 1.12 -20.52 -1.48
CA THR A 408 1.64 -21.59 -0.62
C THR A 408 1.45 -21.27 0.87
N TYR A 409 0.20 -21.08 1.27
CA TYR A 409 -0.14 -20.77 2.66
C TYR A 409 -1.62 -21.09 2.87
N ASP A 410 -2.05 -21.12 4.13
CA ASP A 410 -3.45 -21.39 4.47
C ASP A 410 -4.12 -20.08 4.82
N VAL A 411 -3.63 -19.47 5.89
CA VAL A 411 -4.11 -18.20 6.38
C VAL A 411 -2.93 -17.30 6.62
N ALA A 412 -3.00 -16.06 6.17
CA ALA A 412 -1.90 -15.15 6.35
C ALA A 412 -2.38 -13.80 6.87
N ARG A 413 -1.57 -13.18 7.73
CA ARG A 413 -1.91 -11.88 8.26
C ARG A 413 -1.64 -10.97 7.06
N ALA A 414 -2.45 -9.94 6.87
CA ALA A 414 -2.23 -9.07 5.74
C ALA A 414 -2.78 -7.69 6.00
N ALA A 415 -2.39 -6.75 5.14
CA ALA A 415 -2.86 -5.38 5.24
C ALA A 415 -2.72 -4.74 3.87
N TRP A 416 -3.79 -4.09 3.43
CA TRP A 416 -3.79 -3.42 2.15
C TRP A 416 -4.02 -1.95 2.42
N CYS A 417 -3.19 -1.14 1.81
CA CYS A 417 -3.25 0.29 1.98
C CYS A 417 -3.65 0.95 0.67
N ALA A 418 -4.51 1.96 0.73
CA ALA A 418 -4.95 2.66 -0.47
C ALA A 418 -3.80 3.23 -1.28
N ASP A 419 -3.95 3.20 -2.60
CA ASP A 419 -2.96 3.76 -3.51
C ASP A 419 -3.49 5.13 -3.88
N TYR A 420 -4.81 5.29 -3.76
CA TYR A 420 -5.47 6.57 -4.02
C TYR A 420 -6.72 6.61 -3.14
N ASN A 421 -7.18 7.80 -2.79
CA ASN A 421 -8.35 7.91 -1.93
C ASN A 421 -9.70 7.78 -2.61
N GLU A 422 -10.02 6.54 -3.01
CA GLU A 422 -11.29 6.22 -3.67
C GLU A 422 -11.47 4.74 -3.37
N PRO A 423 -12.72 4.28 -3.17
CA PRO A 423 -13.00 2.87 -2.87
C PRO A 423 -12.43 1.81 -3.80
N SER A 424 -12.42 2.08 -5.11
CA SER A 424 -11.91 1.09 -6.05
C SER A 424 -10.44 0.74 -5.78
N SER A 425 -9.71 1.64 -5.13
CA SER A 425 -8.30 1.38 -4.82
C SER A 425 -8.22 0.13 -3.96
N PHE A 426 -9.29 -0.14 -3.22
CA PHE A 426 -9.35 -1.31 -2.36
C PHE A 426 -10.00 -2.48 -3.09
N LEU A 427 -11.22 -2.26 -3.56
CA LEU A 427 -11.98 -3.29 -4.25
C LEU A 427 -11.31 -3.88 -5.49
N ASN A 428 -10.55 -3.07 -6.23
CA ASN A 428 -9.86 -3.55 -7.43
C ASN A 428 -8.89 -4.68 -7.10
N MET A 429 -8.30 -4.64 -5.91
CA MET A 429 -7.35 -5.65 -5.49
C MET A 429 -8.03 -7.02 -5.38
N MET A 430 -9.35 -7.02 -5.24
CA MET A 430 -10.08 -8.28 -5.14
C MET A 430 -10.54 -8.83 -6.50
N LEU A 431 -10.37 -8.04 -7.56
CA LEU A 431 -10.74 -8.47 -8.90
C LEU A 431 -10.04 -9.80 -9.20
N SER A 432 -10.74 -10.72 -9.86
CA SER A 432 -10.21 -12.05 -10.15
C SER A 432 -8.87 -12.14 -10.89
N ASN A 433 -8.55 -11.17 -11.74
CA ASN A 433 -7.31 -11.22 -12.50
C ASN A 433 -6.29 -10.17 -12.06
N SER A 434 -6.53 -9.52 -10.94
CA SER A 434 -5.61 -8.51 -10.44
C SER A 434 -4.26 -9.08 -10.00
N SER A 435 -3.19 -8.47 -10.48
CA SER A 435 -1.86 -8.91 -10.11
C SER A 435 -1.61 -8.70 -8.61
N ASN A 436 -2.49 -7.94 -7.96
CA ASN A 436 -2.38 -7.65 -6.52
C ASN A 436 -3.18 -8.62 -5.64
N ASN A 437 -4.03 -9.43 -6.25
CA ASN A 437 -4.88 -10.36 -5.51
C ASN A 437 -4.19 -11.56 -4.87
N THR A 438 -3.74 -11.40 -3.64
CA THR A 438 -3.06 -12.49 -2.93
C THR A 438 -4.03 -13.41 -2.19
N THR A 439 -5.32 -13.07 -2.19
CA THR A 439 -6.29 -13.91 -1.52
C THR A 439 -6.73 -15.04 -2.46
N HIS A 440 -6.54 -14.83 -3.76
CA HIS A 440 -6.90 -15.79 -4.81
C HIS A 440 -8.37 -16.00 -4.93
N TYR A 441 -9.08 -14.99 -4.48
CA TYR A 441 -10.51 -14.97 -4.53
C TYR A 441 -10.84 -14.65 -5.98
N LYS A 442 -11.68 -15.49 -6.60
CA LYS A 442 -12.06 -15.28 -7.98
C LYS A 442 -13.57 -15.36 -8.11
N SER A 443 -14.20 -14.20 -8.32
CA SER A 443 -15.65 -14.13 -8.46
C SER A 443 -16.11 -13.21 -9.58
N SER A 444 -16.70 -13.80 -10.62
CA SER A 444 -17.20 -13.05 -11.75
C SER A 444 -18.33 -12.12 -11.32
N VAL A 445 -19.01 -12.48 -10.22
CA VAL A 445 -20.10 -11.65 -9.71
C VAL A 445 -19.52 -10.35 -9.18
N PHE A 446 -18.43 -10.47 -8.42
CA PHE A 446 -17.71 -9.30 -7.71
C PHE A 446 -17.15 -8.46 -8.95
N ASP A 447 -16.52 -9.12 -9.92
CA ASP A 447 -15.88 -8.45 -11.04
C ASP A 447 -16.87 -7.56 -11.80
N LYS A 448 -18.07 -8.09 -12.04
CA LYS A 448 -19.12 -7.38 -12.75
C LYS A 448 -19.53 -6.09 -12.04
N LEU A 449 -19.71 -6.18 -10.73
CA LEU A 449 -20.12 -5.02 -9.94
C LEU A 449 -19.10 -3.90 -10.03
N ILE A 450 -17.82 -4.24 -9.94
CA ILE A 450 -16.76 -3.24 -10.03
C ILE A 450 -16.67 -2.68 -11.44
N GLU A 451 -16.83 -3.55 -12.43
CA GLU A 451 -16.76 -3.11 -13.81
C GLU A 451 -17.90 -2.13 -14.09
N ASP A 452 -19.06 -2.37 -13.49
CA ASP A 452 -20.22 -1.49 -13.67
C ASP A 452 -20.02 -0.13 -13.02
N THR A 453 -19.12 -0.03 -12.05
CA THR A 453 -18.90 1.25 -11.37
C THR A 453 -18.48 2.34 -12.35
N LEU A 454 -17.92 1.95 -13.49
CA LEU A 454 -17.49 2.93 -14.47
C LEU A 454 -18.50 3.13 -15.60
N LYS A 455 -19.61 2.41 -15.53
CA LYS A 455 -20.66 2.53 -16.53
C LYS A 455 -21.79 3.37 -15.92
N VAL A 456 -21.60 3.76 -14.66
CA VAL A 456 -22.59 4.58 -13.95
C VAL A 456 -22.63 5.97 -14.54
N LYS A 457 -23.70 6.69 -14.25
CA LYS A 457 -23.88 8.06 -14.73
C LYS A 457 -24.08 8.99 -13.54
N SER A 458 -23.73 8.50 -12.36
CA SER A 458 -23.87 9.25 -11.11
C SER A 458 -22.92 8.69 -10.04
N GLU A 459 -22.36 9.57 -9.21
CA GLU A 459 -21.46 9.12 -8.15
C GLU A 459 -22.24 8.35 -7.11
N LYS A 460 -23.52 8.66 -6.98
CA LYS A 460 -24.35 7.96 -6.02
C LYS A 460 -24.45 6.50 -6.45
N GLU A 461 -24.71 6.28 -7.73
CA GLU A 461 -24.82 4.92 -8.26
C GLU A 461 -23.50 4.20 -8.05
N ARG A 462 -22.40 4.95 -8.14
CA ARG A 462 -21.06 4.39 -7.94
C ARG A 462 -20.94 3.90 -6.50
N ALA A 463 -21.20 4.81 -5.57
CA ALA A 463 -21.12 4.51 -4.15
C ALA A 463 -22.00 3.31 -3.80
N ASP A 464 -23.13 3.21 -4.48
CA ASP A 464 -24.05 2.11 -4.25
C ASP A 464 -23.46 0.80 -4.75
N LEU A 465 -22.77 0.85 -5.88
CA LEU A 465 -22.15 -0.33 -6.45
C LEU A 465 -21.01 -0.84 -5.56
N TYR A 466 -20.26 0.08 -4.96
CA TYR A 466 -19.17 -0.33 -4.08
C TYR A 466 -19.75 -1.06 -2.88
N GLN A 467 -20.87 -0.57 -2.36
CA GLN A 467 -21.52 -1.21 -1.22
C GLN A 467 -21.92 -2.64 -1.63
N GLN A 468 -22.52 -2.77 -2.81
CA GLN A 468 -22.92 -4.08 -3.30
C GLN A 468 -21.68 -4.96 -3.41
N ALA A 469 -20.57 -4.36 -3.84
CA ALA A 469 -19.32 -5.10 -3.96
C ALA A 469 -18.90 -5.61 -2.59
N GLU A 470 -18.93 -4.75 -1.59
CA GLU A 470 -18.56 -5.16 -0.24
C GLU A 470 -19.48 -6.28 0.22
N ILE A 471 -20.78 -6.15 -0.06
CA ILE A 471 -21.75 -7.17 0.32
C ILE A 471 -21.36 -8.52 -0.29
N GLN A 472 -20.98 -8.49 -1.56
CA GLN A 472 -20.58 -9.72 -2.24
C GLN A 472 -19.33 -10.34 -1.61
N LEU A 473 -18.40 -9.50 -1.17
CA LEU A 473 -17.18 -10.01 -0.52
C LEU A 473 -17.54 -10.70 0.78
N ASP A 474 -18.41 -10.06 1.55
CA ASP A 474 -18.86 -10.57 2.84
C ASP A 474 -19.65 -11.86 2.61
N LYS A 475 -20.52 -11.84 1.61
CA LYS A 475 -21.33 -13.00 1.28
C LYS A 475 -20.47 -14.24 1.06
N ASP A 476 -19.32 -14.07 0.43
CA ASP A 476 -18.42 -15.19 0.17
C ASP A 476 -17.33 -15.30 1.23
N SER A 477 -17.32 -14.37 2.17
CA SER A 477 -16.32 -14.34 3.24
C SER A 477 -14.92 -14.58 2.68
N ALA A 478 -14.57 -13.80 1.66
CA ALA A 478 -13.27 -13.91 1.01
C ALA A 478 -12.12 -13.67 1.99
N ILE A 479 -12.32 -12.77 2.94
CA ILE A 479 -11.29 -12.44 3.94
C ILE A 479 -11.88 -12.35 5.34
N VAL A 480 -11.00 -12.10 6.31
CA VAL A 480 -11.41 -11.94 7.71
C VAL A 480 -10.99 -10.54 8.13
N PRO A 481 -11.88 -9.54 7.98
CA PRO A 481 -11.56 -8.16 8.35
C PRO A 481 -11.27 -8.07 9.84
N VAL A 482 -10.17 -7.40 10.21
CA VAL A 482 -9.85 -7.24 11.63
C VAL A 482 -10.00 -5.79 12.08
N PHE A 483 -9.23 -4.89 11.47
CA PHE A 483 -9.35 -3.49 11.85
C PHE A 483 -8.90 -2.49 10.80
N TYR A 484 -9.46 -1.28 10.89
CA TYR A 484 -9.09 -0.21 9.99
C TYR A 484 -8.00 0.52 10.76
N TYR A 485 -6.89 0.74 10.09
CA TYR A 485 -5.67 1.33 10.71
C TYR A 485 -5.73 2.81 11.12
N VAL A 486 -4.79 3.08 11.99
CA VAL A 486 -4.48 4.40 12.46
C VAL A 486 -2.98 4.34 12.21
N SER A 487 -2.35 5.41 11.77
CA SER A 487 -0.92 5.39 11.55
C SER A 487 -0.29 5.87 12.83
N ALA A 488 0.41 4.98 13.52
CA ALA A 488 1.06 5.31 14.77
C ALA A 488 2.56 5.29 14.58
N ARG A 489 3.20 6.41 14.87
CA ARG A 489 4.65 6.51 14.73
C ARG A 489 5.24 7.56 15.66
N LEU A 490 6.55 7.47 15.88
CA LEU A 490 7.25 8.41 16.72
C LEU A 490 8.00 9.35 15.79
N VAL A 491 7.90 10.65 16.08
CA VAL A 491 8.56 11.68 15.28
C VAL A 491 9.29 12.60 16.25
N LYS A 492 10.59 12.79 16.05
CA LYS A 492 11.37 13.66 16.93
C LYS A 492 10.82 15.07 16.84
N PRO A 493 10.89 15.83 17.95
CA PRO A 493 10.39 17.21 18.00
C PRO A 493 11.05 18.13 16.97
N TYR A 494 12.31 17.84 16.65
CA TYR A 494 13.05 18.67 15.69
C TYR A 494 12.79 18.33 14.22
N VAL A 495 11.89 17.40 13.96
CA VAL A 495 11.56 17.03 12.58
C VAL A 495 10.25 17.73 12.21
N GLY A 496 10.31 18.64 11.24
CA GLY A 496 9.12 19.35 10.82
C GLY A 496 8.66 19.03 9.42
N GLY A 497 7.39 19.29 9.13
CA GLY A 497 6.86 19.01 7.81
C GLY A 497 5.83 17.91 7.80
N TYR A 498 5.88 17.04 8.79
CA TYR A 498 4.93 15.94 8.91
C TYR A 498 3.62 16.50 9.47
N THR A 499 2.53 16.33 8.73
CA THR A 499 1.25 16.86 9.19
C THR A 499 0.32 15.80 9.76
N GLY A 500 0.45 14.56 9.29
CA GLY A 500 -0.41 13.50 9.77
C GLY A 500 -1.83 13.67 9.26
N LYS A 501 -1.99 14.50 8.24
CA LYS A 501 -3.30 14.76 7.65
C LYS A 501 -3.51 14.08 6.30
N ASP A 502 -2.48 13.37 5.83
CA ASP A 502 -2.58 12.64 4.57
C ASP A 502 -3.07 11.25 4.93
N PRO A 503 -4.33 10.94 4.59
CA PRO A 503 -4.97 9.65 4.85
C PRO A 503 -4.18 8.46 4.31
N LEU A 504 -3.37 8.72 3.29
CA LEU A 504 -2.56 7.66 2.68
C LEU A 504 -1.16 7.62 3.24
N ASP A 505 -0.78 8.64 4.00
CA ASP A 505 0.54 8.70 4.59
C ASP A 505 1.62 8.55 3.51
N ASN A 506 1.47 9.27 2.40
CA ASN A 506 2.45 9.23 1.33
C ASN A 506 3.42 10.40 1.46
N MET A 507 4.24 10.31 2.49
CA MET A 507 5.22 11.33 2.83
C MET A 507 6.38 11.43 1.85
N HIS A 508 6.83 12.66 1.59
CA HIS A 508 7.97 12.91 0.72
C HIS A 508 9.02 13.58 1.60
N VAL A 509 10.24 13.06 1.61
CA VAL A 509 11.28 13.65 2.44
C VAL A 509 11.58 15.09 2.01
N LYS A 510 11.26 15.42 0.77
CA LYS A 510 11.51 16.77 0.24
C LYS A 510 10.65 17.81 0.95
N ASP A 511 9.63 17.37 1.69
CA ASP A 511 8.76 18.30 2.38
C ASP A 511 9.12 18.44 3.86
N LEU A 512 10.12 17.67 4.30
CA LEU A 512 10.53 17.72 5.70
C LEU A 512 11.70 18.69 5.91
N TYR A 513 12.02 18.92 7.18
CA TYR A 513 13.11 19.83 7.54
C TYR A 513 13.45 19.69 9.03
N ILE A 514 14.73 19.90 9.37
CA ILE A 514 15.18 19.79 10.76
C ILE A 514 15.16 21.14 11.47
N ILE A 515 14.37 21.26 12.54
CA ILE A 515 14.28 22.48 13.34
C ILE A 515 15.57 22.61 14.22
N LYS A 516 16.13 23.86 14.36
CA LYS A 516 17.30 24.17 15.23
C LYS A 516 16.92 23.73 16.65
N GLN A 517 17.88 23.42 17.55
CA GLN A 517 17.51 22.83 18.89
C GLN A 517 16.05 22.41 18.95
N LYS B 1 -1.42 -0.68 -1.99
CA LYS B 1 -0.11 -1.29 -1.66
C LYS B 1 -0.20 -2.19 -0.44
N LYS B 2 0.72 -3.16 -0.35
CA LYS B 2 0.75 -4.11 0.75
C LYS B 2 1.49 -3.54 1.97
N LYS B 3 0.96 -3.79 3.15
CA LYS B 3 1.61 -3.31 4.37
C LYS B 3 1.79 -4.45 5.36
#